data_7ZPU
#
_entry.id   7ZPU
#
_cell.length_a   46.220
_cell.length_b   61.600
_cell.length_c   50.970
_cell.angle_alpha   90.000
_cell.angle_beta   111.530
_cell.angle_gamma   90.000
#
_symmetry.space_group_name_H-M   'P 1 21 1'
#
loop_
_entity.id
_entity.type
_entity.pdbx_description
1 polymer 'Cell shape-determining protein MreB'
2 non-polymer "ADENOSINE-5'-TRIPHOSPHATE"
3 water water
#
_entity_poly.entity_id   1
_entity_poly.type   'polypeptide(L)'
_entity_poly.pdbx_seq_one_letter_code
;MFGIGTKDLGIDLGTANTLVYVKGKGIVLREPSVVAIQRDTKQIVAVGNEAKNMIGRTPGNIVALRPMKDGVIADYETTA
TMMKYYIRKAIKTKGLFAGKPYVMVCVPYGITAVEERAVIDATRQAGARDAYTIEEPFAAAIGANLPVWEPTGSMVVDIG
GGTTEVAVISLGGIVTSQSIRIAGDEMDEAIIQYIRKSYNLMIGERTAEAIKMEIGSAGNPEGIGNMEIRGRDLLTGLPK
TIEISAEEVAEALRDTVYAIVESVKNTLEKTPPELAADIMDRGIVLTGGGALLRNLDKVISQETDMPVIVAENPLDCVAI
GTGKALDHIDLFKNKARDHR
;
_entity_poly.pdbx_strand_id   M
#
loop_
_chem_comp.id
_chem_comp.type
_chem_comp.name
_chem_comp.formula
ATP non-polymer ADENOSINE-5'-TRIPHOSPHATE 'C10 H16 N5 O13 P3'
#
# COMPACT_ATOMS: atom_id res chain seq x y z
N LYS A 7 -3.74 -26.21 2.93
CA LYS A 7 -4.57 -25.15 2.36
C LYS A 7 -3.76 -23.88 2.09
N ASP A 8 -3.74 -23.46 0.83
CA ASP A 8 -2.84 -22.41 0.36
C ASP A 8 -3.27 -21.03 0.84
N LEU A 9 -2.27 -20.17 1.05
CA LEU A 9 -2.49 -18.84 1.60
C LEU A 9 -1.91 -17.79 0.66
N GLY A 10 -2.59 -16.65 0.59
CA GLY A 10 -2.03 -15.44 0.01
C GLY A 10 -1.81 -14.42 1.12
N ILE A 11 -0.63 -13.80 1.12
CA ILE A 11 -0.26 -12.91 2.22
C ILE A 11 0.15 -11.58 1.61
N ASP A 12 -0.48 -10.51 2.07
CA ASP A 12 -0.12 -9.15 1.66
C ASP A 12 0.42 -8.45 2.90
N LEU A 13 1.75 -8.48 3.05
CA LEU A 13 2.47 -7.77 4.13
C LEU A 13 2.68 -6.32 3.72
N GLY A 14 1.64 -5.50 3.92
CA GLY A 14 1.70 -4.12 3.50
C GLY A 14 2.52 -3.25 4.45
N THR A 15 2.85 -2.03 3.98
CA THR A 15 3.67 -1.13 4.78
C THR A 15 3.00 -0.80 6.11
N ALA A 16 1.66 -0.73 6.14
CA ALA A 16 0.93 -0.51 7.39
C ALA A 16 -0.05 -1.62 7.76
N ASN A 17 -0.67 -2.28 6.77
CA ASN A 17 -1.66 -3.33 7.01
C ASN A 17 -1.22 -4.65 6.40
N THR A 18 -1.38 -5.72 7.17
CA THR A 18 -1.15 -7.07 6.69
C THR A 18 -2.50 -7.78 6.55
N LEU A 19 -2.67 -8.50 5.43
CA LEU A 19 -3.88 -9.26 5.19
C LEU A 19 -3.50 -10.68 4.79
N VAL A 20 -4.26 -11.66 5.27
CA VAL A 20 -4.06 -13.05 4.86
C VAL A 20 -5.33 -13.59 4.25
N TYR A 21 -5.19 -14.17 3.06
CA TYR A 21 -6.25 -14.80 2.30
C TYR A 21 -6.05 -16.30 2.35
N VAL A 22 -7.13 -17.05 2.60
CA VAL A 22 -7.07 -18.51 2.65
C VAL A 22 -7.95 -19.02 1.52
N LYS A 23 -7.37 -19.86 0.66
CA LYS A 23 -8.12 -20.47 -0.43
C LYS A 23 -9.37 -21.15 0.10
N GLY A 24 -10.53 -20.64 -0.32
CA GLY A 24 -11.81 -21.20 0.09
C GLY A 24 -12.50 -20.42 1.19
N LYS A 25 -11.82 -19.47 1.83
CA LYS A 25 -12.40 -18.71 2.93
C LYS A 25 -12.36 -17.21 2.75
N GLY A 26 -11.41 -16.68 1.96
CA GLY A 26 -11.30 -15.25 1.78
C GLY A 26 -10.31 -14.63 2.77
N ILE A 27 -10.45 -13.32 2.97
CA ILE A 27 -9.59 -12.58 3.91
C ILE A 27 -9.94 -13.07 5.31
N VAL A 28 -9.02 -13.78 5.95
CA VAL A 28 -9.27 -14.28 7.31
C VAL A 28 -8.48 -13.54 8.36
N LEU A 29 -7.53 -12.70 7.97
CA LEU A 29 -6.68 -12.01 8.94
C LEU A 29 -6.42 -10.59 8.46
N ARG A 30 -6.63 -9.63 9.36
CA ARG A 30 -6.43 -8.21 9.07
C ARG A 30 -5.72 -7.62 10.29
N GLU A 31 -4.41 -7.48 10.23
CA GLU A 31 -3.63 -7.07 11.40
C GLU A 31 -2.57 -6.06 10.99
N PRO A 32 -2.23 -5.13 11.88
CA PRO A 32 -1.19 -4.14 11.54
C PRO A 32 0.14 -4.79 11.25
N SER A 33 0.90 -4.19 10.33
CA SER A 33 2.26 -4.66 10.03
C SER A 33 3.19 -4.08 11.10
N VAL A 34 3.17 -4.72 12.28
CA VAL A 34 3.91 -4.24 13.44
C VAL A 34 4.49 -5.42 14.20
N VAL A 35 5.65 -5.19 14.83
CA VAL A 35 6.24 -6.15 15.75
C VAL A 35 6.54 -5.44 17.06
N ALA A 36 6.64 -6.22 18.13
CA ALA A 36 7.11 -5.75 19.43
C ALA A 36 8.40 -6.48 19.75
N ILE A 37 9.45 -5.73 20.09
CA ILE A 37 10.76 -6.29 20.38
C ILE A 37 11.21 -5.88 21.77
N GLN A 38 11.77 -6.85 22.50
CA GLN A 38 12.30 -6.58 23.84
C GLN A 38 13.52 -5.67 23.75
N ARG A 39 13.42 -4.48 24.36
CA ARG A 39 14.43 -3.43 24.18
C ARG A 39 15.85 -3.93 24.38
N ASP A 40 16.08 -4.76 25.40
CA ASP A 40 17.44 -5.17 25.74
C ASP A 40 17.90 -6.35 24.91
N THR A 41 17.08 -7.41 24.80
CA THR A 41 17.50 -8.60 24.06
C THR A 41 17.35 -8.44 22.55
N LYS A 42 16.65 -7.39 22.08
CA LYS A 42 16.48 -7.13 20.65
C LYS A 42 15.86 -8.31 19.91
N GLN A 43 15.06 -9.12 20.60
CA GLN A 43 14.36 -10.23 19.97
C GLN A 43 12.88 -9.90 19.85
N ILE A 44 12.28 -10.34 18.74
CA ILE A 44 10.85 -10.16 18.52
C ILE A 44 10.07 -11.03 19.50
N VAL A 45 9.15 -10.41 20.23
CA VAL A 45 8.30 -11.14 21.18
C VAL A 45 6.83 -11.10 20.81
N ALA A 46 6.41 -10.26 19.85
CA ALA A 46 5.03 -10.31 19.40
C ALA A 46 4.93 -9.68 18.01
N VAL A 47 3.91 -10.10 17.26
CA VAL A 47 3.67 -9.62 15.91
C VAL A 47 2.20 -9.27 15.77
N GLY A 48 1.91 -8.20 15.01
CA GLY A 48 0.54 -7.88 14.64
C GLY A 48 -0.33 -7.53 15.82
N ASN A 49 -1.52 -8.14 15.86
CA ASN A 49 -2.46 -7.90 16.96
C ASN A 49 -1.85 -8.30 18.30
N GLU A 50 -1.06 -9.39 18.34
CA GLU A 50 -0.41 -9.76 19.59
C GLU A 50 0.59 -8.69 20.04
N ALA A 51 1.24 -8.03 19.07
CA ALA A 51 2.13 -6.91 19.41
C ALA A 51 1.33 -5.71 19.90
N LYS A 52 0.27 -5.35 19.16
CA LYS A 52 -0.52 -4.17 19.51
C LYS A 52 -1.15 -4.33 20.89
N ASN A 53 -1.53 -5.55 21.26
CA ASN A 53 -2.17 -5.77 22.54
C ASN A 53 -1.14 -5.80 23.66
N MET A 54 0.02 -6.42 23.40
CA MET A 54 1.17 -6.32 24.29
C MET A 54 1.55 -4.87 24.54
N ILE A 55 1.43 -4.04 23.50
CA ILE A 55 1.68 -2.61 23.67
C ILE A 55 0.66 -2.01 24.63
N GLY A 56 -0.61 -2.42 24.52
CA GLY A 56 -1.67 -1.92 25.40
C GLY A 56 -1.64 -2.49 26.80
N ARG A 57 -0.94 -3.61 27.00
CA ARG A 57 -0.69 -4.15 28.34
C ARG A 57 0.45 -3.42 29.02
N THR A 58 1.38 -2.85 28.24
CA THR A 58 2.54 -2.06 28.64
C THR A 58 3.43 -2.81 29.62
N PRO A 59 4.23 -3.77 29.15
CA PRO A 59 5.13 -4.51 30.04
C PRO A 59 6.51 -3.90 30.22
N GLY A 60 6.80 -2.79 29.55
CA GLY A 60 8.13 -2.20 29.61
C GLY A 60 9.16 -3.08 28.95
N ASN A 61 10.34 -2.54 28.65
CA ASN A 61 11.40 -3.30 28.00
C ASN A 61 10.96 -3.82 26.61
N ILE A 62 10.12 -3.05 25.91
CA ILE A 62 9.50 -3.47 24.66
C ILE A 62 9.12 -2.26 23.82
N VAL A 63 9.47 -2.28 22.53
CA VAL A 63 9.17 -1.16 21.63
C VAL A 63 8.54 -1.69 20.34
N ALA A 64 7.63 -0.91 19.78
CA ALA A 64 6.94 -1.29 18.57
C ALA A 64 7.71 -0.77 17.35
N LEU A 65 7.73 -1.58 16.30
CA LEU A 65 8.37 -1.19 15.05
C LEU A 65 7.47 -1.53 13.87
N ARG A 66 7.60 -0.75 12.81
CA ARG A 66 6.91 -0.92 11.53
C ARG A 66 7.97 -1.33 10.52
N PRO A 67 8.25 -2.62 10.37
CA PRO A 67 9.39 -3.01 9.53
C PRO A 67 9.21 -2.71 8.05
N MET A 68 7.97 -2.71 7.56
CA MET A 68 7.70 -2.55 6.14
C MET A 68 7.58 -1.10 5.71
N LYS A 69 7.89 -0.15 6.59
CA LYS A 69 7.85 1.27 6.25
C LYS A 69 8.93 1.65 5.26
N ALA A 74 13.44 -6.09 4.41
CA ALA A 74 14.40 -5.15 4.98
C ALA A 74 15.35 -5.87 5.92
N ASP A 75 14.81 -6.87 6.63
CA ASP A 75 15.59 -7.77 7.46
C ASP A 75 15.04 -9.18 7.36
N TYR A 76 15.90 -10.13 6.99
CA TYR A 76 15.44 -11.47 6.68
C TYR A 76 14.76 -12.12 7.88
N GLU A 77 15.36 -12.02 9.07
CA GLU A 77 14.79 -12.71 10.23
C GLU A 77 13.48 -12.08 10.68
N THR A 78 13.36 -10.75 10.57
CA THR A 78 12.09 -10.11 10.89
C THR A 78 10.99 -10.63 9.97
N THR A 79 11.29 -10.66 8.67
CA THR A 79 10.34 -11.20 7.70
C THR A 79 9.93 -12.62 8.07
N ALA A 80 10.93 -13.47 8.38
CA ALA A 80 10.61 -14.85 8.72
C ALA A 80 9.73 -14.92 9.95
N THR A 81 10.10 -14.20 11.02
CA THR A 81 9.31 -14.21 12.24
C THR A 81 7.88 -13.72 12.00
N MET A 82 7.73 -12.58 11.32
CA MET A 82 6.39 -12.08 11.03
C MET A 82 5.57 -13.06 10.20
N MET A 83 6.16 -13.59 9.13
CA MET A 83 5.47 -14.58 8.31
C MET A 83 5.10 -15.81 9.11
N LYS A 84 5.94 -16.21 10.08
CA LYS A 84 5.60 -17.37 10.89
C LYS A 84 4.37 -17.09 11.74
N TYR A 85 4.28 -15.91 12.35
CA TYR A 85 3.08 -15.52 13.07
C TYR A 85 1.85 -15.54 12.16
N TYR A 86 1.91 -14.81 11.03
CA TYR A 86 0.69 -14.64 10.22
C TYR A 86 0.21 -15.96 9.65
N ILE A 87 1.13 -16.84 9.25
CA ILE A 87 0.73 -18.13 8.68
C ILE A 87 0.10 -19.00 9.77
N ARG A 88 0.78 -19.16 10.90
CA ARG A 88 0.24 -19.95 12.01
C ARG A 88 -1.10 -19.38 12.48
N LYS A 89 -1.20 -18.05 12.60
CA LYS A 89 -2.47 -17.44 13.01
C LYS A 89 -3.58 -17.70 11.98
N ALA A 90 -3.26 -17.66 10.68
CA ALA A 90 -4.31 -17.79 9.67
C ALA A 90 -4.85 -19.21 9.59
N ILE A 91 -3.96 -20.21 9.62
CA ILE A 91 -4.40 -21.61 9.54
C ILE A 91 -5.14 -21.97 10.83
N LYS A 92 -6.48 -21.99 10.75
CA LYS A 92 -7.33 -22.31 11.90
C LYS A 92 -7.44 -23.82 12.11
N PHE A 97 -6.03 -26.86 10.27
CA PHE A 97 -4.74 -27.19 9.71
C PHE A 97 -4.76 -28.51 8.93
N ALA A 98 -4.41 -28.44 7.64
CA ALA A 98 -4.41 -29.59 6.76
C ALA A 98 -3.02 -29.98 6.28
N GLY A 99 -1.99 -29.23 6.68
CA GLY A 99 -0.64 -29.47 6.19
C GLY A 99 0.08 -28.16 5.91
N LYS A 100 1.39 -28.22 5.69
CA LYS A 100 2.15 -27.00 5.47
C LYS A 100 1.64 -26.30 4.22
N PRO A 101 1.37 -24.99 4.27
CA PRO A 101 0.67 -24.35 3.17
C PRO A 101 1.62 -23.97 2.04
N TYR A 102 1.05 -23.84 0.86
CA TYR A 102 1.67 -23.10 -0.23
C TYR A 102 1.28 -21.64 -0.10
N VAL A 103 2.26 -20.74 -0.15
CA VAL A 103 2.05 -19.33 0.17
C VAL A 103 2.39 -18.49 -1.04
N MET A 104 1.43 -17.68 -1.48
CA MET A 104 1.64 -16.59 -2.42
C MET A 104 1.92 -15.31 -1.66
N VAL A 105 3.05 -14.68 -1.93
CA VAL A 105 3.47 -13.49 -1.20
C VAL A 105 3.50 -12.32 -2.18
N CYS A 106 2.67 -11.32 -1.90
CA CYS A 106 2.67 -10.11 -2.68
C CYS A 106 3.94 -9.34 -2.36
N VAL A 107 4.66 -8.92 -3.40
CA VAL A 107 5.88 -8.14 -3.24
C VAL A 107 5.80 -6.87 -4.08
N PRO A 108 6.46 -5.79 -3.68
CA PRO A 108 6.44 -4.57 -4.50
C PRO A 108 7.08 -4.82 -5.84
N TYR A 109 6.62 -4.08 -6.86
CA TYR A 109 7.17 -4.25 -8.20
C TYR A 109 8.67 -3.99 -8.26
N GLY A 110 9.20 -3.09 -7.43
CA GLY A 110 10.62 -2.77 -7.50
C GLY A 110 11.55 -3.93 -7.18
N ILE A 111 11.04 -4.99 -6.54
CA ILE A 111 11.88 -5.95 -5.82
C ILE A 111 12.97 -6.56 -6.71
N THR A 112 14.19 -6.65 -6.17
CA THR A 112 15.30 -7.26 -6.88
C THR A 112 15.27 -8.77 -6.71
N ALA A 113 16.05 -9.47 -7.55
CA ALA A 113 16.13 -10.92 -7.46
C ALA A 113 16.65 -11.40 -6.11
N VAL A 114 17.72 -10.78 -5.60
CA VAL A 114 18.24 -11.29 -4.33
C VAL A 114 17.22 -11.06 -3.22
N GLU A 115 16.46 -9.97 -3.29
CA GLU A 115 15.42 -9.70 -2.30
C GLU A 115 14.24 -10.64 -2.48
N GLU A 116 13.87 -10.93 -3.74
CA GLU A 116 12.78 -11.85 -3.98
C GLU A 116 13.12 -13.25 -3.46
N ARG A 117 14.37 -13.69 -3.60
CA ARG A 117 14.72 -15.01 -3.08
C ARG A 117 14.82 -14.98 -1.56
N ALA A 118 15.24 -13.86 -0.99
CA ALA A 118 15.20 -13.70 0.46
C ALA A 118 13.77 -13.80 0.98
N VAL A 119 12.81 -13.26 0.23
CA VAL A 119 11.41 -13.33 0.63
C VAL A 119 10.91 -14.77 0.58
N ILE A 120 11.25 -15.49 -0.48
CA ILE A 120 10.81 -16.88 -0.62
C ILE A 120 11.42 -17.74 0.49
N ASP A 121 12.72 -17.57 0.73
CA ASP A 121 13.40 -18.40 1.74
C ASP A 121 12.85 -18.15 3.13
N ALA A 122 12.54 -16.89 3.46
CA ALA A 122 11.99 -16.57 4.79
C ALA A 122 10.56 -17.10 4.96
N THR A 123 9.77 -17.12 3.89
CA THR A 123 8.45 -17.73 3.96
C THR A 123 8.56 -19.25 4.08
N ARG A 124 9.53 -19.86 3.39
CA ARG A 124 9.78 -21.28 3.61
C ARG A 124 10.17 -21.53 5.06
N GLN A 125 11.08 -20.71 5.58
CA GLN A 125 11.47 -20.80 6.98
C GLN A 125 10.27 -20.67 7.90
N ALA A 126 9.33 -19.78 7.58
CA ALA A 126 8.15 -19.58 8.42
C ALA A 126 7.17 -20.75 8.38
N GLY A 127 7.37 -21.75 7.52
CA GLY A 127 6.51 -22.92 7.57
C GLY A 127 5.80 -23.23 6.27
N ALA A 128 6.13 -22.51 5.20
CA ALA A 128 5.52 -22.80 3.92
C ALA A 128 6.14 -24.05 3.31
N ARG A 129 5.29 -24.90 2.74
CA ARG A 129 5.76 -25.97 1.87
C ARG A 129 6.60 -25.39 0.73
N ASP A 130 6.10 -24.35 0.09
CA ASP A 130 6.86 -23.59 -0.89
C ASP A 130 6.23 -22.20 -0.97
N ALA A 131 7.01 -21.25 -1.46
CA ALA A 131 6.55 -19.87 -1.51
C ALA A 131 6.75 -19.34 -2.92
N TYR A 132 5.77 -18.57 -3.37
CA TYR A 132 5.79 -17.93 -4.68
C TYR A 132 5.47 -16.46 -4.44
N THR A 133 5.90 -15.60 -5.36
CA THR A 133 5.65 -14.18 -5.23
C THR A 133 4.83 -13.67 -6.40
N ILE A 134 4.08 -12.59 -6.14
CA ILE A 134 3.31 -11.90 -7.17
C ILE A 134 3.54 -10.41 -6.97
N GLU A 135 3.84 -9.71 -8.06
CA GLU A 135 4.05 -8.27 -7.96
C GLU A 135 2.75 -7.58 -7.60
N GLU A 136 2.87 -6.53 -6.78
CA GLU A 136 1.68 -5.86 -6.26
C GLU A 136 0.73 -5.35 -7.34
N PRO A 137 1.17 -4.64 -8.39
CA PRO A 137 0.20 -4.18 -9.39
C PRO A 137 -0.53 -5.32 -10.04
N PHE A 138 0.15 -6.45 -10.24
CA PHE A 138 -0.52 -7.59 -10.84
C PHE A 138 -1.59 -8.14 -9.91
N ALA A 139 -1.26 -8.30 -8.62
CA ALA A 139 -2.28 -8.71 -7.65
C ALA A 139 -3.45 -7.74 -7.61
N ALA A 140 -3.17 -6.43 -7.60
CA ALA A 140 -4.27 -5.45 -7.54
C ALA A 140 -5.16 -5.56 -8.76
N ALA A 141 -4.58 -5.73 -9.94
CA ALA A 141 -5.36 -5.89 -11.16
C ALA A 141 -6.25 -7.12 -11.08
N ILE A 142 -5.69 -8.25 -10.62
CA ILE A 142 -6.51 -9.44 -10.44
C ILE A 142 -7.62 -9.17 -9.44
N GLY A 143 -7.28 -8.52 -8.32
CA GLY A 143 -8.28 -8.26 -7.31
C GLY A 143 -9.32 -7.26 -7.75
N ALA A 144 -8.96 -6.35 -8.66
CA ALA A 144 -9.91 -5.37 -9.16
C ALA A 144 -10.73 -5.89 -10.34
N ASN A 145 -10.57 -7.17 -10.69
CA ASN A 145 -11.35 -7.82 -11.75
C ASN A 145 -11.07 -7.28 -13.14
N LEU A 146 -9.85 -6.81 -13.37
CA LEU A 146 -9.47 -6.45 -14.72
C LEU A 146 -9.27 -7.72 -15.54
N PRO A 147 -9.50 -7.66 -16.84
CA PRO A 147 -9.32 -8.88 -17.67
C PRO A 147 -7.86 -9.21 -17.96
N VAL A 148 -7.13 -9.58 -16.90
CA VAL A 148 -5.68 -9.66 -16.99
C VAL A 148 -5.21 -10.84 -17.84
N TRP A 149 -6.08 -11.80 -18.12
CA TRP A 149 -5.64 -12.91 -18.96
C TRP A 149 -5.95 -12.70 -20.44
N GLU A 150 -6.72 -11.65 -20.80
CA GLU A 150 -7.11 -11.46 -22.19
C GLU A 150 -6.03 -10.72 -22.96
N PRO A 151 -5.98 -10.89 -24.29
CA PRO A 151 -4.96 -10.19 -25.08
C PRO A 151 -5.23 -8.70 -25.29
N THR A 152 -5.95 -8.07 -24.37
CA THR A 152 -6.21 -6.64 -24.39
C THR A 152 -5.48 -5.95 -23.24
N GLY A 153 -5.26 -4.64 -23.39
CA GLY A 153 -4.52 -3.91 -22.37
C GLY A 153 -5.40 -3.53 -21.19
N SER A 154 -4.83 -3.62 -19.99
CA SER A 154 -5.45 -3.18 -18.75
C SER A 154 -4.44 -2.37 -17.96
N MET A 155 -4.92 -1.43 -17.16
CA MET A 155 -3.97 -0.61 -16.41
C MET A 155 -4.47 -0.37 -15.00
N VAL A 156 -3.57 -0.56 -14.05
CA VAL A 156 -3.89 -0.39 -12.64
C VAL A 156 -2.86 0.57 -12.06
N VAL A 157 -3.31 1.42 -11.12
CA VAL A 157 -2.44 2.31 -10.34
C VAL A 157 -2.72 1.97 -8.89
N ASP A 158 -1.75 1.38 -8.21
CA ASP A 158 -1.93 1.01 -6.80
C ASP A 158 -1.15 2.01 -5.95
N ILE A 159 -1.87 2.75 -5.10
CA ILE A 159 -1.28 3.79 -4.27
C ILE A 159 -1.42 3.33 -2.82
N GLY A 160 -0.33 2.90 -2.22
CA GLY A 160 -0.33 2.45 -0.84
C GLY A 160 0.18 3.51 0.11
N GLY A 161 0.75 3.07 1.23
CA GLY A 161 1.45 3.99 2.10
C GLY A 161 2.87 4.29 1.65
N GLY A 162 3.64 3.26 1.29
CA GLY A 162 5.01 3.47 0.87
C GLY A 162 5.26 3.71 -0.62
N THR A 163 4.54 3.02 -1.52
CA THR A 163 4.81 3.17 -2.94
C THR A 163 3.53 3.37 -3.74
N THR A 164 3.67 4.03 -4.89
CA THR A 164 2.66 4.06 -5.94
C THR A 164 3.19 3.18 -7.06
N GLU A 165 2.44 2.16 -7.43
CA GLU A 165 2.88 1.20 -8.44
C GLU A 165 1.88 1.22 -9.59
N VAL A 166 2.38 1.51 -10.78
CA VAL A 166 1.60 1.63 -12.00
C VAL A 166 2.00 0.51 -12.95
N ALA A 167 1.01 -0.12 -13.60
CA ALA A 167 1.31 -1.24 -14.49
C ALA A 167 0.27 -1.39 -15.57
N VAL A 168 0.74 -1.84 -16.75
CA VAL A 168 -0.11 -2.27 -17.85
C VAL A 168 -0.04 -3.78 -17.90
N ILE A 169 -1.21 -4.43 -17.88
CA ILE A 169 -1.31 -5.89 -17.86
C ILE A 169 -1.91 -6.35 -19.19
N SER A 170 -1.41 -7.47 -19.69
CA SER A 170 -2.04 -8.15 -20.82
C SER A 170 -1.60 -9.61 -20.80
N LEU A 171 -2.49 -10.52 -21.20
CA LEU A 171 -2.17 -11.93 -21.37
C LEU A 171 -1.42 -12.52 -20.17
N GLY A 172 -1.94 -12.26 -18.97
CA GLY A 172 -1.40 -12.88 -17.77
C GLY A 172 -0.04 -12.38 -17.33
N GLY A 173 0.32 -11.15 -17.69
CA GLY A 173 1.60 -10.63 -17.23
C GLY A 173 1.71 -9.13 -17.40
N ILE A 174 2.75 -8.59 -16.78
CA ILE A 174 3.04 -7.16 -16.80
C ILE A 174 3.77 -6.79 -18.08
N VAL A 175 3.14 -5.96 -18.89
CA VAL A 175 3.80 -5.46 -20.10
C VAL A 175 4.81 -4.39 -19.73
N THR A 176 4.41 -3.46 -18.87
CA THR A 176 5.29 -2.39 -18.46
C THR A 176 4.79 -1.86 -17.11
N SER A 177 5.71 -1.38 -16.30
CA SER A 177 5.34 -1.08 -14.92
C SER A 177 6.39 -0.18 -14.33
N GLN A 178 5.94 0.69 -13.45
CA GLN A 178 6.77 1.68 -12.81
C GLN A 178 6.41 1.75 -11.34
N SER A 179 7.40 1.94 -10.49
CA SER A 179 7.15 2.13 -9.08
C SER A 179 7.84 3.40 -8.62
N ILE A 180 7.13 4.19 -7.81
CA ILE A 180 7.71 5.37 -7.21
C ILE A 180 7.38 5.38 -5.72
N ARG A 181 8.32 5.86 -4.92
CA ARG A 181 8.18 5.96 -3.46
C ARG A 181 7.48 7.23 -3.03
N ILE A 182 6.41 7.56 -3.73
CA ILE A 182 5.63 8.76 -3.50
C ILE A 182 4.18 8.28 -3.40
N ALA A 183 3.68 8.16 -2.18
CA ALA A 183 2.34 7.64 -1.93
C ALA A 183 1.73 8.22 -0.66
N GLY A 184 0.98 7.40 0.07
CA GLY A 184 0.22 7.91 1.22
C GLY A 184 1.10 8.61 2.25
N ASP A 185 2.21 7.98 2.65
CA ASP A 185 3.09 8.58 3.67
C ASP A 185 3.71 9.87 3.16
N GLU A 186 4.04 9.93 1.86
CA GLU A 186 4.57 11.17 1.34
C GLU A 186 3.51 12.26 1.27
N MET A 187 2.23 11.92 1.07
CA MET A 187 1.23 12.98 1.15
C MET A 187 1.20 13.56 2.56
N ASP A 188 1.29 12.69 3.56
CA ASP A 188 1.34 13.15 4.95
C ASP A 188 2.51 14.09 5.16
N GLU A 189 3.71 13.70 4.68
CA GLU A 189 4.89 14.54 4.87
C GLU A 189 4.73 15.87 4.19
N ALA A 190 4.09 15.90 3.02
CA ALA A 190 3.89 17.14 2.30
C ALA A 190 3.01 18.09 3.09
N ILE A 191 2.01 17.53 3.78
CA ILE A 191 1.15 18.34 4.64
C ILE A 191 1.95 18.88 5.83
N ILE A 192 2.76 18.03 6.46
CA ILE A 192 3.60 18.48 7.57
C ILE A 192 4.50 19.61 7.13
N GLN A 193 5.17 19.43 5.97
CA GLN A 193 6.13 20.41 5.49
C GLN A 193 5.42 21.72 5.13
N TYR A 194 4.28 21.63 4.47
CA TYR A 194 3.53 22.84 4.16
C TYR A 194 3.16 23.59 5.43
N ILE A 195 2.68 22.89 6.45
CA ILE A 195 2.30 23.61 7.65
C ILE A 195 3.52 24.19 8.34
N ARG A 196 4.66 23.50 8.30
CA ARG A 196 5.90 24.06 8.82
C ARG A 196 6.27 25.38 8.13
N LYS A 197 6.35 25.38 6.80
CA LYS A 197 6.73 26.62 6.10
C LYS A 197 5.69 27.72 6.24
N SER A 198 4.39 27.37 6.17
CA SER A 198 3.39 28.42 6.14
C SER A 198 3.09 29.01 7.50
N TYR A 199 3.15 28.21 8.57
CA TYR A 199 2.68 28.65 9.86
C TYR A 199 3.74 28.58 10.95
N ASN A 200 4.96 28.17 10.61
CA ASN A 200 6.02 27.93 11.60
C ASN A 200 5.52 27.01 12.72
N LEU A 201 4.69 26.03 12.35
CA LEU A 201 4.06 25.10 13.27
C LEU A 201 4.44 23.68 12.90
N MET A 202 4.91 22.91 13.87
CA MET A 202 5.29 21.52 13.60
C MET A 202 4.17 20.61 14.09
N ILE A 203 3.57 19.82 13.19
CA ILE A 203 2.55 18.86 13.58
C ILE A 203 3.14 17.46 13.48
N GLY A 204 2.48 16.50 14.16
CA GLY A 204 2.92 15.11 14.12
C GLY A 204 2.22 14.32 13.02
N GLU A 205 2.63 13.05 12.88
CA GLU A 205 2.15 12.23 11.77
C GLU A 205 0.69 11.83 11.95
N ARG A 206 0.24 11.69 13.19
CA ARG A 206 -1.15 11.36 13.47
C ARG A 206 -2.08 12.50 13.03
N THR A 207 -1.67 13.74 13.27
CA THR A 207 -2.48 14.87 12.85
C THR A 207 -2.43 15.04 11.33
N ALA A 208 -1.26 14.86 10.72
CA ALA A 208 -1.14 14.96 9.28
C ALA A 208 -2.03 13.95 8.58
N GLU A 209 -2.03 12.71 9.06
CA GLU A 209 -2.88 11.67 8.50
C GLU A 209 -4.35 12.05 8.58
N ALA A 210 -4.77 12.58 9.73
CA ALA A 210 -6.15 12.99 9.92
C ALA A 210 -6.54 14.13 8.98
N ILE A 211 -5.64 15.11 8.80
CA ILE A 211 -5.89 16.19 7.84
C ILE A 211 -6.11 15.60 6.46
N LYS A 212 -5.25 14.67 6.05
CA LYS A 212 -5.36 14.10 4.71
C LYS A 212 -6.70 13.41 4.54
N MET A 213 -7.06 12.57 5.51
CA MET A 213 -8.33 11.85 5.40
C MET A 213 -9.52 12.78 5.52
N GLU A 214 -9.45 13.81 6.37
CA GLU A 214 -10.65 14.61 6.63
C GLU A 214 -10.86 15.72 5.61
N ILE A 215 -9.80 16.37 5.12
CA ILE A 215 -10.00 17.48 4.17
C ILE A 215 -8.98 17.43 3.04
N GLY A 216 -8.25 16.33 2.91
CA GLY A 216 -7.31 16.23 1.82
C GLY A 216 -8.00 15.98 0.50
N SER A 217 -7.38 16.50 -0.56
CA SER A 217 -7.93 16.44 -1.90
C SER A 217 -6.76 16.53 -2.86
N ALA A 218 -6.94 15.96 -4.05
CA ALA A 218 -5.93 16.10 -5.09
C ALA A 218 -6.09 17.38 -5.90
N GLY A 219 -7.19 18.09 -5.72
CA GLY A 219 -7.58 19.22 -6.56
C GLY A 219 -9.05 19.47 -6.43
N ASN A 220 -9.47 20.66 -6.88
CA ASN A 220 -10.86 21.11 -6.71
C ASN A 220 -11.34 20.88 -5.29
N PRO A 221 -10.79 21.60 -4.32
CA PRO A 221 -11.16 21.37 -2.91
C PRO A 221 -12.38 22.13 -2.42
N GLU A 222 -13.16 22.74 -3.32
CA GLU A 222 -14.30 23.56 -2.91
C GLU A 222 -15.29 22.75 -2.08
N GLY A 223 -15.72 23.32 -0.95
CA GLY A 223 -16.73 22.71 -0.12
C GLY A 223 -16.26 21.57 0.76
N ILE A 224 -14.99 21.19 0.67
CA ILE A 224 -14.49 20.10 1.49
C ILE A 224 -14.39 20.54 2.95
N GLY A 225 -13.97 21.77 3.19
CA GLY A 225 -14.08 22.35 4.51
C GLY A 225 -12.73 22.65 5.16
N ASN A 226 -12.84 23.04 6.42
CA ASN A 226 -11.73 23.48 7.24
C ASN A 226 -11.62 22.59 8.47
N MET A 227 -10.50 22.75 9.17
CA MET A 227 -10.12 21.83 10.21
C MET A 227 -9.23 22.54 11.21
N GLU A 228 -9.51 22.36 12.50
CA GLU A 228 -8.66 22.86 13.53
C GLU A 228 -7.61 21.79 13.86
N ILE A 229 -6.35 22.23 13.97
CA ILE A 229 -5.26 21.32 14.19
C ILE A 229 -4.34 21.93 15.25
N ARG A 230 -3.59 21.06 15.89
CA ARG A 230 -2.72 21.50 16.97
C ARG A 230 -1.33 20.99 16.70
N GLY A 231 -0.34 21.77 17.09
CA GLY A 231 1.04 21.37 16.92
C GLY A 231 1.95 22.20 17.79
N ARG A 232 3.25 22.09 17.52
CA ARG A 232 4.26 22.82 18.30
C ARG A 232 4.66 24.08 17.56
N ASP A 233 4.41 25.23 18.16
CA ASP A 233 4.98 26.48 17.64
C ASP A 233 6.50 26.40 17.65
N LEU A 234 7.13 26.71 16.51
CA LEU A 234 8.57 26.50 16.40
C LEU A 234 9.39 27.65 16.96
N LEU A 235 8.76 28.80 17.25
CA LEU A 235 9.46 29.88 17.94
C LEU A 235 9.55 29.62 19.43
N THR A 236 8.40 29.41 20.09
CA THR A 236 8.31 29.23 21.53
C THR A 236 8.44 27.79 22.00
N GLY A 237 8.25 26.81 21.12
CA GLY A 237 8.18 25.42 21.51
C GLY A 237 6.90 25.01 22.21
N LEU A 238 5.94 25.89 22.36
CA LEU A 238 4.69 25.65 23.07
C LEU A 238 3.61 25.21 22.09
N PRO A 239 2.66 24.39 22.54
CA PRO A 239 1.57 23.96 21.64
C PRO A 239 0.66 25.12 21.27
N LYS A 240 0.14 25.05 20.04
CA LYS A 240 -0.60 26.13 19.45
C LYS A 240 -1.67 25.52 18.54
N THR A 241 -2.81 26.21 18.45
CA THR A 241 -3.93 25.78 17.64
C THR A 241 -4.10 26.75 16.48
N ILE A 242 -4.31 26.21 15.26
CA ILE A 242 -4.66 27.02 14.09
C ILE A 242 -5.76 26.30 13.33
N GLU A 243 -6.28 26.97 12.30
CA GLU A 243 -7.29 26.43 11.41
C GLU A 243 -6.71 26.32 10.00
N ILE A 244 -6.88 25.16 9.35
CA ILE A 244 -6.36 24.95 8.01
C ILE A 244 -7.52 24.56 7.10
N SER A 245 -7.41 24.93 5.82
CA SER A 245 -8.45 24.74 4.82
C SER A 245 -8.12 23.64 3.82
N ALA A 246 -9.19 23.08 3.25
CA ALA A 246 -9.03 22.14 2.14
C ALA A 246 -8.18 22.74 1.02
N GLU A 247 -8.37 24.04 0.73
CA GLU A 247 -7.63 24.66 -0.37
C GLU A 247 -6.13 24.60 -0.11
N GLU A 248 -5.73 24.92 1.12
CA GLU A 248 -4.31 24.85 1.47
C GLU A 248 -3.79 23.43 1.37
N VAL A 249 -4.55 22.46 1.86
CA VAL A 249 -4.09 21.08 1.85
C VAL A 249 -3.87 20.64 0.41
N ALA A 250 -4.74 21.08 -0.51
CA ALA A 250 -4.59 20.70 -1.91
C ALA A 250 -3.34 21.31 -2.52
N GLU A 251 -3.03 22.56 -2.15
CA GLU A 251 -1.74 23.12 -2.52
C GLU A 251 -0.59 22.29 -1.96
N ALA A 252 -0.68 21.94 -0.67
CA ALA A 252 0.38 21.16 -0.04
C ALA A 252 0.67 19.87 -0.81
N LEU A 253 -0.37 19.25 -1.35
CA LEU A 253 -0.27 17.94 -2.00
C LEU A 253 0.02 18.03 -3.49
N ARG A 254 0.15 19.24 -4.04
CA ARG A 254 0.26 19.43 -5.48
C ARG A 254 1.41 18.63 -6.09
N ASP A 255 2.60 18.71 -5.48
CA ASP A 255 3.76 18.08 -6.09
C ASP A 255 3.69 16.56 -5.98
N THR A 256 3.19 16.05 -4.85
CA THR A 256 2.94 14.62 -4.71
C THR A 256 1.98 14.12 -5.80
N VAL A 257 0.86 14.81 -5.99
CA VAL A 257 -0.11 14.39 -7.00
C VAL A 257 0.50 14.46 -8.40
N TYR A 258 1.21 15.54 -8.71
CA TYR A 258 1.89 15.68 -9.99
C TYR A 258 2.82 14.49 -10.25
N ALA A 259 3.52 14.00 -9.22
CA ALA A 259 4.43 12.89 -9.40
C ALA A 259 3.69 11.60 -9.68
N ILE A 260 2.52 11.41 -9.07
CA ILE A 260 1.71 10.24 -9.40
C ILE A 260 1.22 10.35 -10.84
N VAL A 261 0.76 11.53 -11.23
CA VAL A 261 0.28 11.75 -12.60
C VAL A 261 1.39 11.46 -13.60
N GLU A 262 2.61 11.86 -13.26
CA GLU A 262 3.74 11.69 -14.17
C GLU A 262 4.16 10.23 -14.32
N SER A 263 4.03 9.42 -13.26
CA SER A 263 4.34 8.00 -13.44
C SER A 263 3.25 7.27 -14.25
N VAL A 264 1.99 7.72 -14.17
CA VAL A 264 0.95 7.17 -15.03
C VAL A 264 1.23 7.51 -16.49
N LYS A 265 1.63 8.76 -16.75
CA LYS A 265 1.99 9.20 -18.10
C LYS A 265 3.18 8.42 -18.63
N ASN A 266 4.24 8.35 -17.82
CA ASN A 266 5.48 7.68 -18.22
C ASN A 266 5.26 6.20 -18.49
N THR A 267 4.37 5.56 -17.73
CA THR A 267 4.03 4.17 -18.04
C THR A 267 3.26 4.08 -19.36
N LEU A 268 2.37 5.03 -19.62
CA LEU A 268 1.66 5.03 -20.90
C LEU A 268 2.64 5.15 -22.08
N GLU A 269 3.55 6.11 -21.99
CA GLU A 269 4.53 6.32 -23.06
C GLU A 269 5.41 5.10 -23.33
N LYS A 270 5.56 4.20 -22.38
CA LYS A 270 6.29 2.95 -22.62
C LYS A 270 5.39 1.80 -23.06
N THR A 271 4.10 2.06 -23.26
CA THR A 271 3.12 1.04 -23.59
C THR A 271 2.97 0.89 -25.11
N PRO A 272 2.94 -0.32 -25.65
CA PRO A 272 2.68 -0.48 -27.09
C PRO A 272 1.38 0.18 -27.49
N PRO A 273 1.28 0.63 -28.74
CA PRO A 273 0.13 1.44 -29.16
C PRO A 273 -1.24 0.76 -29.04
N GLU A 274 -1.35 -0.51 -29.40
CA GLU A 274 -2.66 -1.15 -29.28
C GLU A 274 -3.09 -1.29 -27.82
N LEU A 275 -2.17 -1.70 -26.96
CA LEU A 275 -2.51 -1.76 -25.53
C LEU A 275 -2.90 -0.40 -25.00
N ALA A 276 -2.15 0.64 -25.37
CA ALA A 276 -2.50 2.00 -24.97
C ALA A 276 -3.92 2.36 -25.41
N ALA A 277 -4.30 1.94 -26.62
CA ALA A 277 -5.64 2.21 -27.14
C ALA A 277 -6.71 1.50 -26.33
N ASP A 278 -6.48 0.22 -25.99
CA ASP A 278 -7.41 -0.51 -25.13
C ASP A 278 -7.61 0.18 -23.78
N ILE A 279 -6.55 0.75 -23.22
CA ILE A 279 -6.70 1.37 -21.90
C ILE A 279 -7.53 2.64 -22.03
N MET A 280 -7.24 3.46 -23.04
CA MET A 280 -8.01 4.68 -23.27
C MET A 280 -9.49 4.36 -23.44
N ASP A 281 -9.80 3.16 -23.93
CA ASP A 281 -11.20 2.78 -24.11
C ASP A 281 -11.82 2.28 -22.79
N ARG A 282 -11.11 1.44 -22.04
CA ARG A 282 -11.66 0.83 -20.84
C ARG A 282 -11.42 1.65 -19.56
N GLY A 283 -10.33 2.37 -19.47
CA GLY A 283 -10.08 3.18 -18.30
C GLY A 283 -8.97 2.62 -17.42
N ILE A 284 -8.49 3.47 -16.53
CA ILE A 284 -7.46 3.15 -15.54
C ILE A 284 -8.16 2.90 -14.22
N VAL A 285 -7.74 1.88 -13.48
CA VAL A 285 -8.34 1.54 -12.20
C VAL A 285 -7.35 1.85 -11.09
N LEU A 286 -7.81 2.62 -10.10
CA LEU A 286 -7.02 3.01 -8.94
C LEU A 286 -7.35 2.09 -7.76
N THR A 287 -6.32 1.58 -7.09
CA THR A 287 -6.48 0.69 -5.95
C THR A 287 -5.58 1.18 -4.82
N GLY A 288 -5.82 0.65 -3.64
CA GLY A 288 -5.03 1.02 -2.48
C GLY A 288 -5.63 2.18 -1.71
N GLY A 289 -5.17 2.33 -0.47
CA GLY A 289 -5.69 3.37 0.40
C GLY A 289 -5.44 4.78 -0.08
N GLY A 290 -4.31 5.02 -0.74
CA GLY A 290 -4.05 6.34 -1.31
C GLY A 290 -4.96 6.69 -2.47
N ALA A 291 -5.57 5.70 -3.12
CA ALA A 291 -6.55 5.98 -4.16
C ALA A 291 -7.79 6.69 -3.63
N LEU A 292 -7.96 6.76 -2.31
CA LEU A 292 -9.10 7.44 -1.72
C LEU A 292 -8.88 8.94 -1.53
N LEU A 293 -7.69 9.45 -1.80
CA LEU A 293 -7.51 10.90 -1.82
C LEU A 293 -8.54 11.56 -2.72
N ARG A 294 -9.30 12.51 -2.16
CA ARG A 294 -10.46 13.05 -2.87
C ARG A 294 -10.06 13.61 -4.22
N ASN A 295 -10.84 13.24 -5.26
CA ASN A 295 -10.68 13.77 -6.60
C ASN A 295 -9.40 13.34 -7.28
N LEU A 296 -8.67 12.37 -6.75
CA LEU A 296 -7.46 11.95 -7.43
C LEU A 296 -7.78 11.27 -8.75
N ASP A 297 -8.88 10.51 -8.80
CA ASP A 297 -9.30 9.89 -10.05
C ASP A 297 -9.61 10.94 -11.11
N LYS A 298 -10.32 12.00 -10.73
CA LYS A 298 -10.63 13.08 -11.66
C LYS A 298 -9.38 13.79 -12.14
N VAL A 299 -8.45 14.07 -11.23
CA VAL A 299 -7.22 14.75 -11.60
C VAL A 299 -6.38 13.88 -12.53
N ILE A 300 -6.25 12.59 -12.26
CA ILE A 300 -5.48 11.75 -13.17
C ILE A 300 -6.19 11.67 -14.52
N SER A 301 -7.51 11.63 -14.49
CA SER A 301 -8.28 11.59 -15.74
C SER A 301 -8.05 12.85 -16.57
N GLN A 302 -8.09 14.01 -15.93
CA GLN A 302 -7.97 15.28 -16.64
C GLN A 302 -6.58 15.44 -17.26
N GLU A 303 -5.54 15.00 -16.56
CA GLU A 303 -4.19 15.21 -17.05
C GLU A 303 -3.75 14.18 -18.07
N THR A 304 -4.45 13.05 -18.17
CA THR A 304 -4.11 12.00 -19.11
C THR A 304 -5.13 11.81 -20.23
N ASP A 305 -6.30 12.44 -20.15
CA ASP A 305 -7.35 12.32 -21.14
C ASP A 305 -7.91 10.90 -21.22
N MET A 306 -7.92 10.20 -20.10
CA MET A 306 -8.34 8.81 -20.06
C MET A 306 -9.40 8.66 -18.97
N PRO A 307 -10.30 7.68 -19.10
CA PRO A 307 -11.17 7.35 -17.97
C PRO A 307 -10.36 6.79 -16.82
N VAL A 308 -10.73 7.19 -15.60
CA VAL A 308 -10.08 6.72 -14.38
C VAL A 308 -11.19 6.41 -13.39
N ILE A 309 -11.18 5.21 -12.82
CA ILE A 309 -12.17 4.86 -11.81
C ILE A 309 -11.43 4.31 -10.60
N VAL A 310 -12.02 4.48 -9.43
CA VAL A 310 -11.49 3.89 -8.22
C VAL A 310 -12.10 2.51 -8.10
N ALA A 311 -11.27 1.50 -7.87
CA ALA A 311 -11.75 0.14 -7.75
C ALA A 311 -12.78 0.02 -6.64
N GLU A 312 -13.76 -0.84 -6.87
CA GLU A 312 -14.57 -1.32 -5.76
C GLU A 312 -13.63 -2.00 -4.76
N ASN A 313 -13.90 -1.84 -3.48
CA ASN A 313 -13.10 -2.48 -2.44
C ASN A 313 -11.60 -2.19 -2.60
N PRO A 314 -11.20 -0.92 -2.64
CA PRO A 314 -9.81 -0.62 -3.04
C PRO A 314 -8.76 -1.05 -2.03
N LEU A 315 -9.13 -1.21 -0.75
CA LEU A 315 -8.14 -1.60 0.26
C LEU A 315 -7.84 -3.09 0.23
N ASP A 316 -8.75 -3.89 -0.31
CA ASP A 316 -8.62 -5.35 -0.29
C ASP A 316 -8.24 -5.93 -1.65
N CYS A 317 -8.16 -5.11 -2.70
CA CYS A 317 -7.91 -5.63 -4.05
C CYS A 317 -6.66 -6.48 -4.09
N VAL A 318 -5.58 -5.94 -3.53
CA VAL A 318 -4.27 -6.60 -3.59
C VAL A 318 -4.34 -7.95 -2.92
N ALA A 319 -4.94 -8.00 -1.74
CA ALA A 319 -5.00 -9.25 -1.00
C ALA A 319 -5.93 -10.23 -1.68
N ILE A 320 -7.07 -9.75 -2.18
CA ILE A 320 -7.94 -10.66 -2.91
C ILE A 320 -7.25 -11.13 -4.18
N GLY A 321 -6.52 -10.25 -4.86
CA GLY A 321 -5.82 -10.67 -6.06
C GLY A 321 -4.73 -11.70 -5.75
N THR A 322 -4.06 -11.54 -4.61
CA THR A 322 -3.07 -12.50 -4.16
C THR A 322 -3.71 -13.87 -3.94
N GLY A 323 -4.91 -13.88 -3.33
CA GLY A 323 -5.61 -15.14 -3.13
C GLY A 323 -6.10 -15.76 -4.43
N LYS A 324 -6.63 -14.95 -5.35
CA LYS A 324 -7.11 -15.53 -6.60
C LYS A 324 -5.96 -16.04 -7.45
N ALA A 325 -4.77 -15.50 -7.27
CA ALA A 325 -3.60 -16.03 -7.97
C ALA A 325 -3.28 -17.47 -7.56
N LEU A 326 -3.75 -17.92 -6.40
CA LEU A 326 -3.53 -19.30 -5.98
C LEU A 326 -4.13 -20.29 -6.98
N ASP A 327 -5.23 -19.90 -7.65
CA ASP A 327 -5.81 -20.71 -8.72
C ASP A 327 -4.94 -20.79 -9.95
N HIS A 328 -3.93 -19.91 -10.08
CA HIS A 328 -3.01 -19.94 -11.21
C HIS A 328 -1.58 -20.18 -10.74
N ILE A 329 -1.40 -21.01 -9.72
CA ILE A 329 -0.09 -21.25 -9.10
C ILE A 329 0.96 -21.65 -10.11
N ASP A 330 0.52 -22.27 -11.21
CA ASP A 330 1.44 -22.71 -12.26
C ASP A 330 2.21 -21.53 -12.88
N LEU A 331 1.51 -20.42 -13.14
CA LEU A 331 2.17 -19.25 -13.73
C LEU A 331 3.27 -18.71 -12.83
N PHE A 332 3.06 -18.74 -11.50
CA PHE A 332 4.05 -18.17 -10.59
C PHE A 332 5.10 -19.18 -10.12
N LYS A 333 4.84 -20.48 -10.32
CA LYS A 333 5.82 -21.52 -10.04
C LYS A 333 6.87 -21.42 -11.14
PG ATP B . 1.88 -0.66 0.54
O1G ATP B . 2.74 -1.79 0.96
O2G ATP B . 2.67 0.65 0.15
O3G ATP B . 0.91 -1.03 -0.61
PB ATP B . -0.44 -0.73 2.37
O1B ATP B . -0.84 -1.95 1.62
O2B ATP B . -0.30 -0.86 3.89
O3B ATP B . 0.91 -0.23 1.74
PA ATP B . -3.03 0.58 1.91
O1A ATP B . -3.53 0.18 0.57
O2A ATP B . -3.61 -0.16 3.10
O3A ATP B . -1.46 0.44 2.03
O5' ATP B . -3.20 2.13 2.13
C5' ATP B . -2.56 2.81 3.22
C4' ATP B . -2.57 4.27 2.88
O4' ATP B . -3.93 4.67 2.56
C3' ATP B . -2.07 5.23 3.97
O3' ATP B . -1.16 6.18 3.43
C2' ATP B . -3.36 5.95 4.39
O2' ATP B . -3.10 7.26 4.90
C1' ATP B . -4.11 5.96 3.07
N9 ATP B . -5.54 6.23 3.21
C8 ATP B . -6.49 5.49 3.84
N7 ATP B . -7.69 6.03 3.83
C5 ATP B . -7.51 7.22 3.13
C6 ATP B . -8.38 8.25 2.78
N6 ATP B . -9.69 8.28 3.09
N1 ATP B . -7.88 9.30 2.09
C2 ATP B . -6.58 9.29 1.77
N3 ATP B . -5.66 8.37 2.05
C4 ATP B . -6.18 7.36 2.75
#